data_5V4B
#
_entry.id   5V4B
#
_cell.length_a   233.514
_cell.length_b   233.514
_cell.length_c   108.438
_cell.angle_alpha   90.000
_cell.angle_beta   90.000
_cell.angle_gamma   90.000
#
_symmetry.space_group_name_H-M   'I 41 2 2'
#
loop_
_entity.id
_entity.type
_entity.pdbx_description
1 polymer 'S-phase kinase-associated protein 1,S-phase kinase-associated protein 1'
2 polymer 'F-box/WD repeat-containing protein 7'
3 polymer 'DISC1 peptide'
4 non-polymer 'SULFATE ION'
5 non-polymer IMIDAZOLE
6 water water
#
loop_
_entity_poly.entity_id
_entity_poly.type
_entity_poly.pdbx_seq_one_letter_code
_entity_poly.pdbx_strand_id
1 'polypeptide(L)'
;MASIKLQSSDGEIFEVDVEIAKQSVTIKTMLEDLGMDPVPLPNVNAAILKKVIQWCTHHKDDPGGSGTDDIPVWDQEFLK
VDQGTLFELILAANYLDIKGLLDVTCKTVANMIKAKTPEEIRKTFNIKNDFTEEEEAQVRKENQWCEEK
;
A
2 'polypeptide(L)'
;TQVKHMMQVIEPQFQRDFISLLPKELALYVLSFLEPKDLLQAAQTCRYWRILAEDNLLWREKCKEEGIDEPLHIKRRKVI
KPGFIHSPWKSAYIRQHRIDTNWRRGELKSPKVLKGHDDHVITCLQFCGNRIVSGSDDNTLKVWSAVTGKCLRTLVGHTG
GVWSSQMRDNIIISGSTDRTLKVWNAETGECIHTLYGHTSTVRCMHLHEKRVVSGSRDATLRVWDIETGQCLHVLMGHVA
AVRCVQYDGRRVVSGAYDFMVKVWDPETETCLHTLQGHTNRVYSLQFDGIHVVSGSLDTSIRVWDVETGNCIHTLTGHQS
LTSGMELKDNILVSGNADSTVKIWDIKTGQCLQTLQGPNKHQSAVTCLQFNKNFVITSSDDGTVKLWDLKTGEFIRNLVT
LESGGSGGVVWRIRASNTKLVCAVGSRNGTEETKLLVLDFDVDM
;
B
3 'polypeptide(L)' PEVPP(TPO)PPG(SEP)HSAFT C
#
loop_
_chem_comp.id
_chem_comp.type
_chem_comp.name
_chem_comp.formula
IMD non-polymer IMIDAZOLE 'C3 H5 N2 1'
SO4 non-polymer 'SULFATE ION' 'O4 S -2'
#
# COMPACT_ATOMS: atom_id res chain seq x y z
N ALA A 2 51.40 2.20 -13.40
CA ALA A 2 52.04 2.57 -14.70
C ALA A 2 51.24 3.68 -15.36
N SER A 3 51.75 4.17 -16.49
CA SER A 3 51.14 5.30 -17.15
C SER A 3 50.79 4.96 -18.59
N ILE A 4 49.69 5.54 -19.11
CA ILE A 4 49.28 5.38 -20.52
C ILE A 4 48.79 6.66 -21.21
N LYS A 5 48.83 6.60 -22.54
CA LYS A 5 48.63 7.76 -23.39
C LYS A 5 47.21 7.83 -23.99
N LEU A 6 46.51 8.95 -23.77
CA LEU A 6 45.25 9.24 -24.47
C LEU A 6 45.45 10.37 -25.44
N GLN A 7 44.79 10.31 -26.57
CA GLN A 7 44.80 11.38 -27.55
C GLN A 7 43.40 11.99 -27.66
N SER A 8 43.29 13.26 -27.28
CA SER A 8 42.00 13.94 -27.41
C SER A 8 41.60 14.06 -28.88
N SER A 9 40.34 14.44 -29.10
CA SER A 9 39.79 14.58 -30.46
C SER A 9 40.57 15.60 -31.25
N ASP A 10 41.06 16.63 -30.55
CA ASP A 10 41.81 17.74 -31.14
C ASP A 10 43.31 17.58 -30.97
N GLY A 11 43.79 16.34 -30.79
CA GLY A 11 45.19 16.04 -31.06
C GLY A 11 46.18 16.12 -29.93
N GLU A 12 45.68 16.49 -28.75
CA GLU A 12 46.52 16.65 -27.56
C GLU A 12 46.64 15.34 -26.75
N ILE A 13 47.87 15.00 -26.40
CA ILE A 13 48.19 13.79 -25.68
C ILE A 13 48.17 14.04 -24.17
N PHE A 14 47.65 13.04 -23.46
CA PHE A 14 47.53 13.07 -22.02
C PHE A 14 48.21 11.83 -21.45
N GLU A 15 49.15 12.02 -20.52
CA GLU A 15 49.78 10.92 -19.78
C GLU A 15 48.91 10.59 -18.57
N VAL A 16 48.37 9.38 -18.49
CA VAL A 16 47.47 9.06 -17.38
C VAL A 16 47.83 7.76 -16.66
N ASP A 17 47.74 7.77 -15.34
CA ASP A 17 47.88 6.54 -14.54
C ASP A 17 46.86 5.48 -14.99
N VAL A 18 47.37 4.29 -15.30
CA VAL A 18 46.52 3.22 -15.77
C VAL A 18 45.27 3.06 -14.91
N GLU A 19 45.42 3.10 -13.59
CA GLU A 19 44.29 2.76 -12.71
C GLU A 19 43.24 3.85 -12.65
N ILE A 20 43.63 5.06 -13.02
CA ILE A 20 42.66 6.17 -13.11
C ILE A 20 41.93 6.15 -14.46
N ALA A 21 42.68 5.84 -15.52
CA ALA A 21 42.12 5.78 -16.86
C ALA A 21 41.14 4.63 -17.01
N LYS A 22 41.43 3.51 -16.36
CA LYS A 22 40.62 2.32 -16.52
C LYS A 22 39.27 2.46 -15.80
N GLN A 23 39.00 3.62 -15.19
CA GLN A 23 37.64 3.96 -14.74
C GLN A 23 36.69 4.18 -15.91
N SER A 24 37.22 4.63 -17.05
CA SER A 24 36.50 4.64 -18.33
C SER A 24 36.52 3.24 -18.87
N VAL A 25 35.35 2.61 -18.92
CA VAL A 25 35.24 1.26 -19.49
C VAL A 25 35.62 1.30 -20.97
N THR A 26 35.27 2.38 -21.63
CA THR A 26 35.65 2.56 -23.00
C THR A 26 37.16 2.50 -23.14
N ILE A 27 37.85 3.34 -22.39
CA ILE A 27 39.31 3.32 -22.46
C ILE A 27 39.88 1.94 -22.10
N LYS A 28 39.46 1.40 -20.98
CA LYS A 28 39.89 0.07 -20.52
C LYS A 28 39.81 -0.98 -21.63
N THR A 29 38.66 -1.06 -22.27
CA THR A 29 38.47 -1.96 -23.39
C THR A 29 39.48 -1.70 -24.50
N MET A 30 39.57 -0.46 -24.94
CA MET A 30 40.46 -0.18 -26.05
C MET A 30 41.91 -0.40 -25.68
N LEU A 31 42.19 -0.29 -24.39
CA LEU A 31 43.53 -0.50 -23.87
C LEU A 31 43.85 -1.98 -23.76
N GLU A 32 43.03 -2.71 -23.00
CA GLU A 32 43.29 -4.12 -22.72
C GLU A 32 42.95 -5.03 -23.90
N ASP A 33 41.73 -4.94 -24.42
CA ASP A 33 41.28 -5.83 -25.50
C ASP A 33 41.75 -5.44 -26.91
N LEU A 34 41.84 -4.14 -27.20
CA LEU A 34 42.23 -3.72 -28.55
C LEU A 34 43.68 -3.21 -28.67
N GLY A 35 44.34 -2.99 -27.54
CA GLY A 35 45.77 -2.64 -27.52
C GLY A 35 46.18 -1.30 -28.14
N MET A 36 45.26 -0.35 -28.12
CA MET A 36 45.47 0.96 -28.73
C MET A 36 46.51 1.77 -27.97
N ASP A 37 47.54 2.28 -28.66
CA ASP A 37 48.51 3.18 -28.04
C ASP A 37 49.00 4.24 -29.03
N PRO A 38 48.63 5.50 -28.80
CA PRO A 38 47.76 6.00 -27.74
C PRO A 38 46.29 5.66 -27.99
N VAL A 39 45.43 5.90 -27.00
CA VAL A 39 44.00 5.67 -27.17
C VAL A 39 43.38 6.91 -27.78
N PRO A 40 42.88 6.82 -29.02
CA PRO A 40 42.22 7.95 -29.64
C PRO A 40 40.74 8.08 -29.24
N LEU A 41 40.38 9.29 -28.84
CA LEU A 41 39.07 9.63 -28.34
C LEU A 41 38.41 10.72 -29.20
N PRO A 42 37.90 10.31 -30.35
CA PRO A 42 37.38 11.29 -31.32
C PRO A 42 36.23 12.14 -30.80
N ASN A 43 35.56 11.71 -29.73
CA ASN A 43 34.39 12.46 -29.27
C ASN A 43 34.64 13.32 -28.06
N VAL A 44 35.90 13.53 -27.69
CA VAL A 44 36.24 14.26 -26.49
C VAL A 44 37.43 15.17 -26.74
N ASN A 45 37.24 16.47 -26.64
CA ASN A 45 38.37 17.38 -26.81
C ASN A 45 39.26 17.50 -25.57
N ALA A 46 40.35 18.24 -25.71
CA ALA A 46 41.31 18.40 -24.62
C ALA A 46 40.67 19.01 -23.37
N ALA A 47 39.81 20.01 -23.55
CA ALA A 47 39.20 20.74 -22.44
C ALA A 47 38.40 19.82 -21.54
N ILE A 48 37.42 19.11 -22.09
CA ILE A 48 36.59 18.27 -21.21
C ILE A 48 37.40 17.07 -20.76
N LEU A 49 38.31 16.58 -21.60
CA LEU A 49 39.15 15.48 -21.18
C LEU A 49 40.01 15.84 -19.95
N LYS A 50 40.48 17.09 -19.85
CA LYS A 50 41.20 17.51 -18.60
C LYS A 50 40.24 17.37 -17.41
N LYS A 51 38.99 17.79 -17.57
CA LYS A 51 38.00 17.74 -16.48
C LYS A 51 37.63 16.30 -16.10
N VAL A 52 37.45 15.44 -17.09
CA VAL A 52 37.16 14.04 -16.83
C VAL A 52 38.27 13.36 -16.02
N ILE A 53 39.52 13.59 -16.41
CA ILE A 53 40.67 13.01 -15.73
C ILE A 53 40.81 13.57 -14.31
N GLN A 54 40.49 14.85 -14.16
CA GLN A 54 40.48 15.49 -12.85
C GLN A 54 39.46 14.81 -11.94
N TRP A 55 38.28 14.56 -12.46
CA TRP A 55 37.24 13.91 -11.67
C TRP A 55 37.70 12.50 -11.32
N CYS A 56 38.16 11.75 -12.30
CA CYS A 56 38.57 10.37 -12.03
C CYS A 56 39.67 10.35 -11.00
N THR A 57 40.65 11.24 -11.17
CA THR A 57 41.77 11.33 -10.25
C THR A 57 41.31 11.55 -8.81
N HIS A 58 40.31 12.40 -8.61
CA HIS A 58 39.76 12.61 -7.27
C HIS A 58 39.14 11.30 -6.70
N HIS A 59 38.47 10.54 -7.55
CA HIS A 59 37.73 9.33 -7.16
C HIS A 59 38.52 8.05 -7.42
N LYS A 60 39.82 8.18 -7.65
CA LYS A 60 40.65 7.01 -7.97
C LYS A 60 40.59 5.93 -6.89
N ASP A 61 40.12 6.30 -5.69
CA ASP A 61 39.85 5.34 -4.58
C ASP A 61 38.36 5.21 -4.24
N ASP A 62 37.60 6.32 -4.27
CA ASP A 62 36.13 6.32 -4.07
C ASP A 62 35.49 5.03 -4.56
N PRO A 63 35.38 4.02 -3.65
CA PRO A 63 35.01 2.66 -4.05
C PRO A 63 33.51 2.50 -4.27
N GLY A 64 33.08 2.68 -5.53
CA GLY A 64 31.65 2.66 -5.87
C GLY A 64 30.98 1.30 -5.70
N GLY A 65 30.18 1.11 -4.64
CA GLY A 65 29.84 2.13 -3.64
C GLY A 65 28.59 2.92 -4.01
N SER A 66 28.62 3.57 -5.18
CA SER A 66 27.53 4.40 -5.71
C SER A 66 27.10 5.54 -4.73
N GLY A 67 26.18 5.24 -3.81
CA GLY A 67 25.66 6.24 -2.87
C GLY A 67 24.74 7.29 -3.48
N THR A 68 24.15 6.99 -4.66
CA THR A 68 23.20 7.88 -5.36
C THR A 68 22.12 8.35 -4.37
N ASP A 69 22.38 9.53 -3.77
CA ASP A 69 21.63 10.02 -2.61
C ASP A 69 22.60 10.88 -1.80
N ASP A 70 22.42 12.19 -1.86
CA ASP A 70 23.46 13.13 -1.44
C ASP A 70 24.50 13.14 -2.57
N ILE A 71 24.73 14.34 -3.09
CA ILE A 71 25.75 14.58 -4.09
C ILE A 71 26.97 15.21 -3.36
N PRO A 72 28.14 14.54 -3.39
CA PRO A 72 29.29 14.99 -2.59
C PRO A 72 29.59 16.47 -2.69
N VAL A 73 30.23 16.99 -1.66
CA VAL A 73 30.57 18.41 -1.61
C VAL A 73 31.53 18.80 -2.75
N TRP A 74 32.54 17.98 -2.99
CA TRP A 74 33.61 18.34 -3.92
C TRP A 74 33.10 18.35 -5.35
N ASP A 75 32.30 17.33 -5.67
CA ASP A 75 31.65 17.20 -6.96
C ASP A 75 30.73 18.38 -7.19
N GLN A 76 29.96 18.78 -6.18
CA GLN A 76 29.05 19.90 -6.36
C GLN A 76 29.82 21.17 -6.72
N GLU A 77 30.95 21.44 -6.05
CA GLU A 77 31.77 22.60 -6.41
C GLU A 77 32.37 22.36 -7.81
N PHE A 78 32.80 21.13 -8.06
CA PHE A 78 33.41 20.78 -9.36
C PHE A 78 32.50 21.03 -10.57
N LEU A 79 31.18 21.11 -10.35
CA LEU A 79 30.23 21.39 -11.42
C LEU A 79 29.53 22.75 -11.25
N LYS A 80 30.09 23.63 -10.41
CA LYS A 80 29.64 25.04 -10.39
C LYS A 80 29.85 25.71 -11.77
N VAL A 81 30.63 25.03 -12.63
CA VAL A 81 30.60 25.09 -14.12
C VAL A 81 29.31 25.51 -14.86
N ASP A 82 29.45 26.06 -16.07
CA ASP A 82 28.29 26.56 -16.83
C ASP A 82 27.55 25.45 -17.59
N GLN A 83 26.36 25.77 -18.09
CA GLN A 83 25.49 24.76 -18.72
C GLN A 83 26.13 23.99 -19.91
N GLY A 84 26.83 24.70 -20.78
CA GLY A 84 27.50 24.06 -21.89
C GLY A 84 28.43 22.95 -21.46
N THR A 85 29.20 23.21 -20.43
CA THR A 85 30.21 22.25 -20.05
C THR A 85 29.54 21.00 -19.46
N LEU A 86 28.59 21.22 -18.58
CA LEU A 86 27.82 20.14 -17.98
C LEU A 86 27.28 19.19 -19.04
N PHE A 87 26.81 19.79 -20.14
CA PHE A 87 26.25 19.05 -21.27
C PHE A 87 27.32 18.16 -21.90
N GLU A 88 28.51 18.72 -22.05
CA GLU A 88 29.62 17.95 -22.62
C GLU A 88 30.07 16.89 -21.65
N LEU A 89 30.11 17.22 -20.37
CA LEU A 89 30.49 16.24 -19.37
C LEU A 89 29.56 15.04 -19.39
N ILE A 90 28.27 15.27 -19.58
CA ILE A 90 27.35 14.15 -19.74
C ILE A 90 27.68 13.32 -20.99
N LEU A 91 27.94 13.99 -22.09
CA LEU A 91 28.25 13.27 -23.31
C LEU A 91 29.56 12.50 -23.21
N ALA A 92 30.57 13.08 -22.53
CA ALA A 92 31.86 12.41 -22.39
C ALA A 92 31.79 11.23 -21.43
N ALA A 93 31.00 11.39 -20.39
CA ALA A 93 30.83 10.31 -19.44
C ALA A 93 30.17 9.14 -20.14
N ASN A 94 29.21 9.42 -21.00
CA ASN A 94 28.54 8.35 -21.71
C ASN A 94 29.51 7.70 -22.70
N TYR A 95 30.14 8.50 -23.55
CA TYR A 95 31.11 8.02 -24.52
C TYR A 95 32.18 7.18 -23.85
N LEU A 96 32.79 7.74 -22.81
CA LEU A 96 33.87 7.06 -22.10
C LEU A 96 33.40 5.96 -21.17
N ASP A 97 32.09 5.83 -21.02
CA ASP A 97 31.47 4.95 -20.03
C ASP A 97 32.05 5.04 -18.61
N ILE A 98 31.68 6.10 -17.92
CA ILE A 98 32.14 6.34 -16.57
C ILE A 98 30.90 6.62 -15.73
N LYS A 99 30.42 5.56 -15.08
CA LYS A 99 29.08 5.49 -14.48
C LYS A 99 28.90 6.54 -13.39
N GLY A 100 29.92 6.69 -12.56
CA GLY A 100 29.91 7.68 -11.48
C GLY A 100 29.80 9.12 -11.95
N LEU A 101 30.49 9.43 -13.03
CA LEU A 101 30.50 10.78 -13.55
C LEU A 101 29.16 11.06 -14.20
N LEU A 102 28.67 10.06 -14.93
CA LEU A 102 27.38 10.19 -15.63
C LEU A 102 26.27 10.51 -14.63
N ASP A 103 26.23 9.73 -13.55
CA ASP A 103 25.21 9.80 -12.51
C ASP A 103 25.18 11.14 -11.81
N VAL A 104 26.28 11.50 -11.18
CA VAL A 104 26.51 12.83 -10.65
C VAL A 104 26.07 14.00 -11.59
N THR A 105 26.51 13.98 -12.85
CA THR A 105 26.25 15.12 -13.74
C THR A 105 24.78 15.18 -14.09
N CYS A 106 24.20 14.00 -14.31
CA CYS A 106 22.79 13.90 -14.59
C CYS A 106 21.94 14.29 -13.37
N LYS A 107 22.34 13.89 -12.17
CA LYS A 107 21.57 14.24 -10.97
C LYS A 107 21.58 15.74 -10.90
N THR A 108 22.73 16.33 -11.27
CA THR A 108 22.93 17.75 -11.12
C THR A 108 21.95 18.51 -12.02
N VAL A 109 21.70 18.00 -13.21
CA VAL A 109 20.67 18.60 -14.07
C VAL A 109 19.26 18.38 -13.51
N ALA A 110 18.98 17.18 -13.01
CA ALA A 110 17.68 16.87 -12.41
C ALA A 110 17.37 17.88 -11.33
N ASN A 111 18.39 18.23 -10.56
CA ASN A 111 18.21 19.17 -9.47
C ASN A 111 17.83 20.55 -9.89
N MET A 112 18.16 20.90 -11.12
CA MET A 112 17.77 22.18 -11.67
C MET A 112 16.28 22.12 -12.05
N ILE A 113 15.68 20.93 -12.00
CA ILE A 113 14.25 20.80 -12.29
C ILE A 113 13.40 20.72 -11.03
N LYS A 114 13.86 19.97 -10.06
CA LYS A 114 13.06 19.79 -8.85
C LYS A 114 13.10 21.08 -8.06
N ALA A 115 12.01 21.52 -7.47
CA ALA A 115 10.64 21.25 -7.90
C ALA A 115 10.17 22.66 -8.19
N LYS A 116 10.28 23.02 -9.44
CA LYS A 116 9.88 24.30 -9.84
C LYS A 116 8.58 24.09 -10.53
N THR A 117 7.90 25.18 -10.81
CA THR A 117 6.71 25.16 -11.60
C THR A 117 7.13 25.14 -13.04
N PRO A 118 6.22 24.73 -13.94
CA PRO A 118 6.56 24.77 -15.38
C PRO A 118 7.31 26.04 -15.80
N GLU A 119 6.83 27.21 -15.34
CA GLU A 119 7.32 28.53 -15.77
C GLU A 119 8.76 28.77 -15.32
N GLU A 120 9.05 28.31 -14.10
CA GLU A 120 10.36 28.49 -13.48
C GLU A 120 11.36 27.55 -14.15
N ILE A 121 10.87 26.42 -14.64
CA ILE A 121 11.71 25.48 -15.36
C ILE A 121 12.08 26.06 -16.72
N ARG A 122 11.17 26.80 -17.34
CA ARG A 122 11.51 27.52 -18.55
C ARG A 122 12.58 28.56 -18.26
N LYS A 123 12.30 29.53 -17.39
CA LYS A 123 13.27 30.60 -17.12
C LYS A 123 14.67 30.03 -16.76
N THR A 124 14.77 28.75 -16.39
CA THR A 124 16.09 28.15 -16.14
C THR A 124 16.69 27.56 -17.40
N PHE A 125 15.89 26.85 -18.18
CA PHE A 125 16.40 26.01 -19.31
C PHE A 125 16.30 26.68 -20.68
N ASN A 126 15.91 27.95 -20.67
CA ASN A 126 15.25 28.62 -21.78
C ASN A 126 13.85 28.01 -22.05
N ILE A 127 13.64 27.34 -23.19
CA ILE A 127 12.31 26.74 -23.53
C ILE A 127 11.16 27.74 -23.85
N LYS A 128 10.65 27.71 -25.09
CA LYS A 128 9.42 28.45 -25.42
C LYS A 128 8.22 27.55 -25.17
N ASN A 129 7.21 28.09 -24.50
CA ASN A 129 5.91 27.44 -24.44
C ASN A 129 5.37 27.34 -25.88
N ASP A 130 5.50 26.15 -26.46
CA ASP A 130 5.06 25.90 -27.82
C ASP A 130 3.67 25.28 -27.93
N PHE A 131 2.92 25.25 -26.83
CA PHE A 131 1.56 24.71 -26.82
C PHE A 131 0.56 25.78 -27.28
N THR A 132 -0.52 25.36 -27.94
CA THR A 132 -1.67 26.25 -28.17
C THR A 132 -2.38 26.55 -26.84
N GLU A 133 -3.44 27.37 -26.88
CA GLU A 133 -4.31 27.59 -25.72
C GLU A 133 -4.93 26.26 -25.31
N GLU A 134 -5.41 25.50 -26.30
CA GLU A 134 -6.14 24.24 -26.07
C GLU A 134 -5.22 23.19 -25.45
N GLU A 135 -4.08 22.96 -26.10
CA GLU A 135 -3.10 21.97 -25.63
C GLU A 135 -2.68 22.26 -24.19
N GLU A 136 -2.38 23.51 -23.85
CA GLU A 136 -1.90 23.82 -22.51
C GLU A 136 -2.97 23.59 -21.44
N ALA A 137 -4.23 23.73 -21.85
CA ALA A 137 -5.35 23.42 -21.00
C ALA A 137 -5.33 21.93 -20.67
N GLN A 138 -5.09 21.11 -21.69
CA GLN A 138 -5.09 19.65 -21.55
C GLN A 138 -3.94 19.15 -20.68
N VAL A 139 -2.78 19.74 -20.89
CA VAL A 139 -1.57 19.29 -20.24
C VAL A 139 -1.63 19.64 -18.77
N ARG A 140 -2.08 20.85 -18.47
CA ARG A 140 -2.31 21.28 -17.11
C ARG A 140 -3.30 20.33 -16.44
N LYS A 141 -4.36 19.95 -17.17
CA LYS A 141 -5.43 19.08 -16.61
C LYS A 141 -4.93 17.65 -16.36
N GLU A 142 -4.24 17.09 -17.32
CA GLU A 142 -3.75 15.73 -17.28
C GLU A 142 -2.62 15.52 -16.25
N ASN A 143 -1.87 16.57 -15.96
CA ASN A 143 -0.74 16.52 -15.04
C ASN A 143 -0.99 17.27 -13.74
N GLN A 144 -2.27 17.51 -13.46
CA GLN A 144 -2.72 18.06 -12.18
C GLN A 144 -2.18 17.27 -10.99
N TRP A 145 -1.48 17.96 -10.09
CA TRP A 145 -1.09 17.42 -8.78
C TRP A 145 -2.07 17.87 -7.69
N CYS A 146 -2.26 17.00 -6.70
CA CYS A 146 -3.38 17.05 -5.73
C CYS A 146 -4.81 17.23 -6.39
N GLU A 147 -5.39 18.44 -6.36
CA GLU A 147 -6.79 18.70 -6.80
C GLU A 147 -7.14 17.98 -8.11
N THR B 1 9.73 3.13 -29.00
CA THR B 1 9.16 3.61 -30.27
C THR B 1 7.88 4.44 -30.07
N GLN B 2 7.28 4.40 -28.88
CA GLN B 2 6.31 5.42 -28.47
C GLN B 2 6.95 6.79 -28.75
N VAL B 3 8.09 7.05 -28.09
CA VAL B 3 8.77 8.33 -28.21
C VAL B 3 9.22 8.60 -29.65
N LYS B 4 9.77 7.60 -30.33
CA LYS B 4 10.13 7.75 -31.74
C LYS B 4 8.93 8.20 -32.59
N HIS B 5 7.84 7.43 -32.55
CA HIS B 5 6.59 7.81 -33.23
C HIS B 5 6.23 9.26 -32.92
N MET B 6 6.10 9.62 -31.65
CA MET B 6 5.67 10.98 -31.30
C MET B 6 6.63 12.10 -31.73
N MET B 7 7.94 11.85 -31.69
CA MET B 7 8.93 12.88 -32.11
C MET B 7 8.86 13.10 -33.61
N GLN B 8 8.90 12.00 -34.34
CA GLN B 8 8.91 12.00 -35.79
C GLN B 8 7.66 12.56 -36.45
N VAL B 9 6.65 12.87 -35.64
CA VAL B 9 5.27 13.02 -36.11
C VAL B 9 4.61 14.27 -35.55
N ILE B 10 4.83 14.58 -34.29
CA ILE B 10 4.42 15.88 -33.77
C ILE B 10 5.40 16.93 -34.33
N GLU B 11 6.65 16.53 -34.57
CA GLU B 11 7.72 17.39 -35.10
C GLU B 11 8.01 18.62 -34.21
N PRO B 12 8.46 18.41 -32.96
CA PRO B 12 8.86 19.57 -32.15
C PRO B 12 10.32 20.05 -32.42
N GLN B 13 10.53 20.71 -33.55
CA GLN B 13 11.87 21.17 -33.93
C GLN B 13 12.21 22.53 -33.31
N PHE B 14 13.49 22.85 -33.32
CA PHE B 14 14.07 24.07 -32.74
C PHE B 14 13.59 24.47 -31.37
N GLN B 15 13.97 23.69 -30.38
CA GLN B 15 14.03 24.21 -29.02
C GLN B 15 15.51 24.43 -28.71
N ARG B 16 15.72 25.40 -27.82
CA ARG B 16 17.02 25.90 -27.49
C ARG B 16 17.44 25.42 -26.09
N ASP B 17 16.85 24.34 -25.60
CA ASP B 17 17.12 23.89 -24.23
C ASP B 17 18.05 22.68 -24.12
N PHE B 18 18.67 22.59 -22.96
CA PHE B 18 19.54 21.50 -22.58
C PHE B 18 19.03 20.10 -22.97
N ILE B 19 17.91 19.67 -22.37
CA ILE B 19 17.52 18.27 -22.46
C ILE B 19 16.91 17.92 -23.83
N SER B 20 16.28 18.89 -24.49
CA SER B 20 15.87 18.72 -25.91
C SER B 20 17.03 18.25 -26.79
N LEU B 21 18.22 18.74 -26.48
CA LEU B 21 19.38 18.49 -27.33
C LEU B 21 20.22 17.27 -27.00
N LEU B 22 19.99 16.67 -25.84
CA LEU B 22 20.70 15.44 -25.47
C LEU B 22 20.24 14.27 -26.29
N PRO B 23 21.08 13.25 -26.40
CA PRO B 23 20.51 11.98 -26.83
C PRO B 23 19.33 11.65 -25.95
N LYS B 24 18.39 10.87 -26.44
CA LYS B 24 17.14 10.72 -25.75
C LYS B 24 17.29 9.77 -24.57
N GLU B 25 18.21 8.81 -24.67
CA GLU B 25 18.52 7.95 -23.53
C GLU B 25 18.97 8.81 -22.37
N LEU B 26 19.93 9.68 -22.64
CA LEU B 26 20.44 10.54 -21.59
C LEU B 26 19.40 11.53 -21.08
N ALA B 27 18.49 11.99 -21.93
CA ALA B 27 17.43 12.87 -21.42
C ALA B 27 16.54 12.09 -20.47
N LEU B 28 16.24 10.85 -20.83
CA LEU B 28 15.44 10.00 -19.98
C LEU B 28 16.19 9.64 -18.71
N TYR B 29 17.51 9.47 -18.81
CA TYR B 29 18.31 9.15 -17.65
C TYR B 29 18.25 10.30 -16.67
N VAL B 30 18.49 11.51 -17.17
CA VAL B 30 18.29 12.69 -16.33
C VAL B 30 16.94 12.65 -15.65
N LEU B 31 15.87 12.52 -16.44
CA LEU B 31 14.51 12.56 -15.90
C LEU B 31 14.26 11.50 -14.84
N SER B 32 15.02 10.42 -14.87
CA SER B 32 14.84 9.32 -13.92
C SER B 32 15.14 9.75 -12.48
N PHE B 33 16.00 10.72 -12.28
CA PHE B 33 16.33 11.19 -10.92
C PHE B 33 15.25 12.03 -10.25
N LEU B 34 14.10 12.19 -10.92
CA LEU B 34 13.05 13.04 -10.42
C LEU B 34 11.92 12.24 -9.83
N GLU B 35 11.25 12.84 -8.86
CA GLU B 35 10.04 12.27 -8.30
C GLU B 35 8.85 12.64 -9.21
N PRO B 36 7.75 11.90 -9.09
CA PRO B 36 6.57 12.17 -9.91
C PRO B 36 6.07 13.60 -9.92
N LYS B 37 5.95 14.23 -8.74
CA LYS B 37 5.49 15.64 -8.66
C LYS B 37 6.21 16.53 -9.71
N ASP B 38 7.51 16.26 -9.88
CA ASP B 38 8.39 17.02 -10.73
C ASP B 38 8.21 16.62 -12.20
N LEU B 39 8.21 15.33 -12.47
CA LEU B 39 7.82 14.84 -13.76
C LEU B 39 6.51 15.44 -14.22
N LEU B 40 5.55 15.66 -13.34
CA LEU B 40 4.28 16.19 -13.85
C LEU B 40 4.41 17.67 -14.17
N GLN B 41 5.38 18.33 -13.56
CA GLN B 41 5.56 19.75 -13.76
C GLN B 41 6.44 19.95 -15.00
N ALA B 42 7.44 19.08 -15.15
CA ALA B 42 8.27 19.05 -16.35
C ALA B 42 7.43 18.80 -17.60
N ALA B 43 6.45 17.91 -17.50
CA ALA B 43 5.58 17.63 -18.61
C ALA B 43 4.81 18.84 -19.16
N GLN B 44 4.71 19.92 -18.38
CA GLN B 44 3.92 21.10 -18.80
C GLN B 44 4.76 22.22 -19.35
N THR B 45 5.96 21.87 -19.75
CA THR B 45 6.98 22.82 -20.13
C THR B 45 6.83 23.10 -21.60
N CYS B 46 6.81 22.06 -22.41
CA CYS B 46 6.68 22.22 -23.84
C CYS B 46 6.39 20.86 -24.43
N ARG B 47 5.98 20.82 -25.70
CA ARG B 47 5.65 19.56 -26.38
C ARG B 47 6.71 18.48 -26.27
N TYR B 48 7.97 18.87 -26.44
CA TYR B 48 9.09 17.93 -26.43
C TYR B 48 9.27 17.27 -25.05
N TRP B 49 9.27 18.09 -24.01
CA TRP B 49 9.44 17.61 -22.66
C TRP B 49 8.27 16.74 -22.30
N ARG B 50 7.07 17.18 -22.69
CA ARG B 50 5.88 16.35 -22.51
C ARG B 50 6.06 14.94 -23.11
N ILE B 51 6.55 14.86 -24.33
CA ILE B 51 6.78 13.56 -24.98
C ILE B 51 7.79 12.72 -24.23
N LEU B 52 8.87 13.35 -23.76
CA LEU B 52 9.87 12.62 -23.00
C LEU B 52 9.31 12.16 -21.69
N ALA B 53 8.69 13.08 -20.95
CA ALA B 53 8.22 12.76 -19.62
C ALA B 53 7.16 11.68 -19.69
N GLU B 54 6.51 11.46 -20.84
CA GLU B 54 5.49 10.37 -20.98
C GLU B 54 6.01 9.02 -21.37
N ASP B 55 7.26 8.74 -21.03
CA ASP B 55 7.92 7.49 -21.35
C ASP B 55 7.46 6.38 -20.45
N ASN B 56 7.08 5.29 -21.07
CA ASN B 56 6.45 4.20 -20.38
C ASN B 56 7.27 3.51 -19.28
N LEU B 57 8.57 3.36 -19.46
CA LEU B 57 9.37 2.60 -18.48
C LEU B 57 9.76 3.45 -17.30
N LEU B 58 10.07 4.71 -17.57
CA LEU B 58 10.25 5.68 -16.51
C LEU B 58 9.12 5.61 -15.46
N TRP B 59 7.87 5.46 -15.92
CA TRP B 59 6.69 5.44 -15.06
C TRP B 59 6.37 4.06 -14.48
N ARG B 60 6.79 3.00 -15.18
CA ARG B 60 6.63 1.62 -14.69
C ARG B 60 7.43 1.48 -13.42
N GLU B 61 8.64 2.04 -13.46
CA GLU B 61 9.52 2.07 -12.31
C GLU B 61 8.91 2.92 -11.19
N LYS B 62 8.35 4.08 -11.53
CA LYS B 62 7.71 4.95 -10.53
C LYS B 62 6.54 4.23 -9.86
N CYS B 63 5.83 3.42 -10.63
CA CYS B 63 4.68 2.66 -10.13
C CYS B 63 5.12 1.50 -9.18
N LYS B 64 6.08 0.67 -9.61
CA LYS B 64 6.70 -0.34 -8.73
C LYS B 64 7.16 0.23 -7.39
N GLU B 65 7.65 1.47 -7.37
CA GLU B 65 7.99 2.16 -6.14
C GLU B 65 6.80 2.37 -5.20
N GLU B 66 5.62 2.71 -5.75
CA GLU B 66 4.39 2.81 -4.92
C GLU B 66 3.64 1.47 -4.85
N GLY B 67 4.25 0.40 -5.34
CA GLY B 67 3.54 -0.87 -5.45
C GLY B 67 2.26 -0.78 -6.27
N ILE B 68 2.36 -0.24 -7.47
CA ILE B 68 1.24 -0.28 -8.41
C ILE B 68 1.68 -1.28 -9.46
N ASP B 69 0.90 -2.35 -9.61
CA ASP B 69 1.35 -3.58 -10.25
C ASP B 69 0.87 -3.73 -11.69
N GLU B 70 -0.37 -3.31 -11.93
CA GLU B 70 -0.93 -3.25 -13.27
C GLU B 70 -0.83 -1.84 -13.84
N PRO B 71 -0.47 -1.73 -15.13
CA PRO B 71 -0.78 -0.51 -15.86
C PRO B 71 -2.29 -0.38 -16.04
N LEU B 72 -2.73 0.79 -16.48
CA LEU B 72 -4.14 1.07 -16.66
C LEU B 72 -4.34 1.56 -18.08
N HIS B 73 -5.25 0.92 -18.82
CA HIS B 73 -5.52 1.29 -20.21
C HIS B 73 -6.88 1.98 -20.30
N ILE B 74 -6.88 3.24 -20.74
CA ILE B 74 -8.10 4.07 -20.89
C ILE B 74 -8.79 3.77 -22.25
N LYS B 75 -9.77 4.57 -22.70
CA LYS B 75 -10.31 4.34 -24.06
C LYS B 75 -10.86 5.56 -24.84
N ARG B 76 -11.55 6.48 -24.17
CA ARG B 76 -12.32 7.58 -24.83
C ARG B 76 -11.50 8.53 -25.73
N ARG B 77 -11.31 8.15 -27.00
CA ARG B 77 -10.32 8.79 -27.88
C ARG B 77 -10.75 8.95 -29.38
N LYS B 78 -10.61 10.13 -30.03
CA LYS B 78 -9.95 11.36 -29.53
C LYS B 78 -8.48 11.17 -29.09
N VAL B 79 -7.47 11.33 -29.96
CA VAL B 79 -7.42 12.10 -31.24
C VAL B 79 -7.82 13.58 -31.07
N ILE B 80 -7.76 14.05 -29.81
CA ILE B 80 -8.14 15.41 -29.40
C ILE B 80 -7.40 16.43 -30.25
N LYS B 81 -6.09 16.59 -30.00
CA LYS B 81 -5.21 17.34 -30.91
C LYS B 81 -4.48 16.31 -31.78
N PRO B 82 -3.54 16.77 -32.64
CA PRO B 82 -2.46 15.91 -33.08
C PRO B 82 -2.08 14.88 -31.99
N GLY B 83 -1.66 13.70 -32.44
CA GLY B 83 -1.72 12.50 -31.62
C GLY B 83 -0.78 12.39 -30.45
N PHE B 84 -1.33 11.98 -29.32
CA PHE B 84 -0.52 11.70 -28.18
C PHE B 84 -0.64 10.23 -27.80
N ILE B 85 0.47 9.62 -27.40
CA ILE B 85 0.47 8.22 -27.06
C ILE B 85 0.71 8.12 -25.57
N HIS B 86 -0.37 7.94 -24.85
CA HIS B 86 -0.30 7.97 -23.41
C HIS B 86 0.40 6.76 -22.86
N SER B 87 1.05 6.94 -21.72
CA SER B 87 1.66 5.82 -21.00
C SER B 87 0.65 5.21 -20.04
N PRO B 88 0.35 3.92 -20.21
CA PRO B 88 -0.49 3.23 -19.25
C PRO B 88 0.02 3.28 -17.81
N TRP B 89 1.32 3.25 -17.63
CA TRP B 89 1.82 3.26 -16.28
C TRP B 89 1.62 4.62 -15.68
N LYS B 90 1.69 5.66 -16.51
CA LYS B 90 1.58 7.01 -16.01
C LYS B 90 0.18 7.24 -15.55
N SER B 91 -0.80 6.82 -16.34
CA SER B 91 -2.18 7.04 -15.95
C SER B 91 -2.59 6.13 -14.75
N ALA B 92 -1.85 5.05 -14.55
CA ALA B 92 -2.06 4.25 -13.38
C ALA B 92 -1.57 4.99 -12.12
N TYR B 93 -0.41 5.62 -12.19
CA TYR B 93 0.08 6.46 -11.08
C TYR B 93 -0.95 7.53 -10.77
N ILE B 94 -1.32 8.26 -11.80
CA ILE B 94 -2.20 9.36 -11.61
C ILE B 94 -3.55 8.86 -11.07
N ARG B 95 -4.07 7.76 -11.57
CA ARG B 95 -5.29 7.18 -10.98
C ARG B 95 -5.17 7.06 -9.47
N GLN B 96 -4.09 6.40 -9.05
CA GLN B 96 -3.96 6.07 -7.68
C GLN B 96 -3.81 7.35 -6.88
N HIS B 97 -3.18 8.35 -7.49
CA HIS B 97 -2.90 9.55 -6.73
C HIS B 97 -4.19 10.35 -6.53
N ARG B 98 -5.09 10.28 -7.50
CA ARG B 98 -6.34 10.96 -7.36
C ARG B 98 -7.23 10.21 -6.43
N ILE B 99 -7.13 8.88 -6.41
CA ILE B 99 -7.92 8.14 -5.45
C ILE B 99 -7.51 8.51 -4.02
N ASP B 100 -6.21 8.45 -3.75
CA ASP B 100 -5.71 8.87 -2.46
C ASP B 100 -6.25 10.24 -2.09
N THR B 101 -6.18 11.17 -3.01
CA THR B 101 -6.58 12.52 -2.75
C THR B 101 -8.06 12.56 -2.43
N ASN B 102 -8.81 11.79 -3.14
CA ASN B 102 -10.23 11.75 -2.90
C ASN B 102 -10.59 11.26 -1.46
N TRP B 103 -9.86 10.28 -0.94
CA TRP B 103 -10.11 9.82 0.37
C TRP B 103 -9.77 11.00 1.30
N ARG B 104 -8.63 11.66 1.11
N ARG B 104 -8.69 11.69 1.04
CA ARG B 104 -8.21 12.70 2.08
CA ARG B 104 -8.16 12.64 1.98
C ARG B 104 -9.16 13.88 2.03
C ARG B 104 -8.94 13.96 2.02
N ARG B 105 -9.38 14.43 0.85
CA ARG B 105 -10.10 15.72 0.78
C ARG B 105 -11.20 15.82 -0.23
N GLY B 106 -11.60 14.73 -0.85
CA GLY B 106 -12.62 14.85 -1.85
C GLY B 106 -14.00 14.94 -1.26
N GLU B 107 -14.86 15.68 -1.93
CA GLU B 107 -16.21 15.89 -1.46
C GLU B 107 -16.84 14.57 -1.14
N LEU B 108 -17.47 14.48 0.01
CA LEU B 108 -18.08 13.23 0.43
C LEU B 108 -19.34 12.95 -0.36
N LYS B 109 -19.28 11.98 -1.26
CA LYS B 109 -20.49 11.69 -2.03
C LYS B 109 -21.46 10.98 -1.07
N SER B 110 -22.75 11.25 -1.23
N SER B 110 -22.76 11.25 -1.19
CA SER B 110 -23.80 10.54 -0.49
CA SER B 110 -23.75 10.59 -0.35
C SER B 110 -23.68 9.03 -0.68
C SER B 110 -23.68 9.08 -0.63
N PRO B 111 -23.60 8.28 0.42
CA PRO B 111 -23.35 6.85 0.26
C PRO B 111 -24.54 6.08 -0.06
N LYS B 112 -24.34 4.92 -0.66
CA LYS B 112 -25.49 4.01 -0.84
C LYS B 112 -25.91 3.42 0.51
N VAL B 113 -27.20 3.25 0.68
CA VAL B 113 -27.75 2.76 1.91
C VAL B 113 -28.37 1.41 1.66
N LEU B 114 -27.84 0.37 2.28
CA LEU B 114 -28.38 -0.95 2.19
C LEU B 114 -29.08 -1.37 3.49
N LYS B 115 -30.39 -1.24 3.54
CA LYS B 115 -31.17 -1.54 4.74
C LYS B 115 -31.43 -3.00 4.81
N GLY B 116 -31.21 -3.59 5.98
CA GLY B 116 -31.44 -5.02 6.22
C GLY B 116 -31.19 -5.33 7.69
N HIS B 117 -31.53 -6.54 8.12
CA HIS B 117 -31.29 -6.95 9.50
C HIS B 117 -32.00 -6.08 10.48
N ASP B 118 -33.19 -5.65 10.09
CA ASP B 118 -33.95 -4.66 10.84
C ASP B 118 -33.87 -5.03 12.31
N ASP B 119 -33.50 -4.05 13.14
CA ASP B 119 -33.57 -4.19 14.59
C ASP B 119 -32.63 -5.19 15.17
N HIS B 120 -31.61 -5.57 14.42
CA HIS B 120 -30.66 -6.52 14.90
C HIS B 120 -29.26 -6.02 14.64
N VAL B 121 -28.30 -6.71 15.24
CA VAL B 121 -26.91 -6.37 15.12
C VAL B 121 -26.28 -7.08 13.93
N ILE B 122 -25.41 -6.37 13.24
CA ILE B 122 -24.56 -6.92 12.23
C ILE B 122 -23.27 -7.27 12.93
N THR B 123 -23.01 -8.57 13.09
CA THR B 123 -21.96 -9.12 13.91
C THR B 123 -20.67 -9.45 13.18
N CYS B 124 -20.77 -9.63 11.88
CA CYS B 124 -19.56 -9.84 11.07
C CYS B 124 -19.82 -9.29 9.69
N LEU B 125 -18.76 -8.93 9.00
CA LEU B 125 -18.89 -8.26 7.74
C LEU B 125 -17.76 -8.69 6.81
N GLN B 126 -18.07 -8.93 5.57
CA GLN B 126 -17.05 -9.41 4.67
C GLN B 126 -17.13 -8.65 3.35
N PHE B 127 -16.02 -8.39 2.70
CA PHE B 127 -16.05 -7.58 1.48
C PHE B 127 -14.98 -8.08 0.52
N CYS B 128 -15.41 -8.58 -0.62
CA CYS B 128 -14.52 -9.34 -1.51
C CYS B 128 -14.94 -8.97 -2.92
N GLY B 129 -14.08 -8.27 -3.65
CA GLY B 129 -14.44 -7.83 -4.99
C GLY B 129 -15.68 -6.93 -4.99
N ASN B 130 -16.74 -7.30 -5.65
CA ASN B 130 -17.93 -6.46 -5.65
C ASN B 130 -19.01 -7.08 -4.82
N ARG B 131 -18.63 -7.94 -3.89
CA ARG B 131 -19.62 -8.54 -3.01
C ARG B 131 -19.41 -8.21 -1.54
N ILE B 132 -20.51 -7.88 -0.89
CA ILE B 132 -20.49 -7.64 0.56
C ILE B 132 -21.32 -8.71 1.26
N VAL B 133 -20.82 -9.26 2.36
CA VAL B 133 -21.65 -10.20 3.15
C VAL B 133 -21.85 -9.73 4.59
N SER B 134 -23.10 -9.56 4.99
CA SER B 134 -23.35 -9.11 6.32
C SER B 134 -23.94 -10.26 7.05
N GLY B 135 -23.56 -10.45 8.29
CA GLY B 135 -24.04 -11.53 9.14
C GLY B 135 -24.59 -10.93 10.39
N SER B 136 -25.56 -11.59 11.00
CA SER B 136 -26.41 -10.99 12.01
C SER B 136 -26.99 -11.99 12.99
N ASP B 137 -27.40 -11.45 14.11
CA ASP B 137 -28.01 -12.21 15.14
C ASP B 137 -29.48 -12.33 14.88
N ASP B 138 -29.95 -11.87 13.72
CA ASP B 138 -31.30 -12.25 13.21
C ASP B 138 -31.35 -13.68 12.64
N ASN B 139 -30.18 -14.32 12.59
CA ASN B 139 -29.96 -15.68 12.10
C ASN B 139 -29.58 -15.77 10.62
N THR B 140 -29.46 -14.65 9.92
CA THR B 140 -29.23 -14.67 8.49
C THR B 140 -27.95 -13.99 8.12
N LEU B 141 -27.57 -14.15 6.88
CA LEU B 141 -26.53 -13.37 6.25
C LEU B 141 -27.15 -12.83 5.00
N LYS B 142 -26.72 -11.69 4.53
CA LYS B 142 -27.16 -11.20 3.25
C LYS B 142 -25.99 -10.89 2.38
N VAL B 143 -26.12 -11.16 1.09
CA VAL B 143 -25.04 -10.91 0.16
C VAL B 143 -25.47 -9.71 -0.67
N TRP B 144 -24.64 -8.73 -0.84
CA TRP B 144 -25.07 -7.50 -1.50
C TRP B 144 -24.12 -7.13 -2.57
N SER B 145 -24.57 -6.31 -3.51
CA SER B 145 -23.64 -5.76 -4.49
C SER B 145 -23.10 -4.43 -4.02
N ALA B 146 -21.79 -4.34 -3.92
CA ALA B 146 -21.16 -3.08 -3.56
C ALA B 146 -21.35 -2.02 -4.65
N VAL B 147 -21.72 -2.47 -5.85
CA VAL B 147 -21.79 -1.61 -7.02
C VAL B 147 -23.15 -0.96 -7.12
N THR B 148 -24.21 -1.72 -6.82
CA THR B 148 -25.57 -1.24 -6.98
C THR B 148 -26.31 -1.05 -5.69
N GLY B 149 -25.85 -1.68 -4.62
CA GLY B 149 -26.55 -1.61 -3.34
C GLY B 149 -27.71 -2.57 -3.18
N LYS B 150 -27.92 -3.41 -4.18
CA LYS B 150 -28.96 -4.41 -4.10
C LYS B 150 -28.53 -5.57 -3.23
N CYS B 151 -29.50 -6.11 -2.54
CA CYS B 151 -29.35 -7.35 -1.83
C CYS B 151 -29.59 -8.49 -2.83
N LEU B 152 -28.62 -9.37 -2.98
CA LEU B 152 -28.67 -10.40 -4.02
C LEU B 152 -29.20 -11.70 -3.49
N ARG B 153 -28.83 -12.05 -2.27
CA ARG B 153 -29.30 -13.25 -1.63
C ARG B 153 -29.52 -13.05 -0.15
N THR B 154 -30.23 -14.00 0.46
CA THR B 154 -30.41 -14.03 1.90
C THR B 154 -30.29 -15.45 2.43
N LEU B 155 -29.22 -15.69 3.14
CA LEU B 155 -28.79 -17.01 3.51
C LEU B 155 -29.51 -17.45 4.79
N VAL B 156 -30.61 -18.18 4.59
CA VAL B 156 -31.42 -18.59 5.72
C VAL B 156 -31.12 -20.06 5.89
N GLY B 157 -31.16 -20.53 7.12
CA GLY B 157 -30.70 -21.85 7.47
C GLY B 157 -30.38 -21.91 8.95
N HIS B 158 -29.55 -21.00 9.47
CA HIS B 158 -29.15 -21.12 10.86
C HIS B 158 -30.39 -20.95 11.68
N THR B 159 -30.49 -21.67 12.80
CA THR B 159 -31.60 -21.51 13.76
C THR B 159 -31.14 -20.77 15.03
N GLY B 160 -30.23 -19.85 14.82
CA GLY B 160 -29.41 -19.29 15.87
C GLY B 160 -28.68 -18.10 15.21
N GLY B 161 -28.16 -17.21 16.03
CA GLY B 161 -27.59 -15.99 15.55
C GLY B 161 -26.29 -16.31 14.90
N VAL B 162 -26.00 -15.59 13.81
CA VAL B 162 -24.70 -15.63 13.20
C VAL B 162 -23.71 -14.66 13.86
N TRP B 163 -22.52 -15.17 14.17
CA TRP B 163 -21.49 -14.43 14.90
C TRP B 163 -20.12 -14.49 14.32
N SER B 164 -19.89 -15.31 13.31
CA SER B 164 -18.60 -15.36 12.61
C SER B 164 -18.83 -15.68 11.16
N SER B 165 -17.89 -15.28 10.29
CA SER B 165 -18.02 -15.54 8.89
C SER B 165 -16.72 -15.37 8.21
N GLN B 166 -16.56 -16.06 7.09
CA GLN B 166 -15.45 -15.83 6.21
C GLN B 166 -15.98 -15.91 4.80
N MET B 167 -15.21 -15.39 3.86
CA MET B 167 -15.58 -15.35 2.44
C MET B 167 -14.32 -15.44 1.59
N ARG B 168 -14.31 -16.28 0.58
CA ARG B 168 -13.36 -16.15 -0.54
C ARG B 168 -14.08 -16.38 -1.86
N ASP B 169 -14.05 -15.36 -2.72
CA ASP B 169 -14.88 -15.25 -3.93
C ASP B 169 -15.81 -16.41 -4.18
N ASN B 170 -17.01 -16.26 -3.69
CA ASN B 170 -18.13 -17.22 -3.94
C ASN B 170 -18.32 -18.34 -2.95
N ILE B 171 -17.29 -18.62 -2.18
CA ILE B 171 -17.51 -19.34 -0.95
C ILE B 171 -17.67 -18.42 0.25
N ILE B 172 -18.80 -18.59 0.96
CA ILE B 172 -19.01 -17.97 2.24
C ILE B 172 -19.16 -19.05 3.30
N ILE B 173 -18.63 -18.79 4.47
CA ILE B 173 -18.80 -19.68 5.61
C ILE B 173 -19.33 -18.93 6.80
N SER B 174 -20.33 -19.50 7.49
CA SER B 174 -20.90 -18.82 8.62
C SER B 174 -20.87 -19.69 9.83
N GLY B 175 -20.92 -19.04 10.99
CA GLY B 175 -20.86 -19.70 12.29
C GLY B 175 -21.87 -19.09 13.24
N SER B 176 -22.52 -19.94 14.06
CA SER B 176 -23.74 -19.56 14.72
C SER B 176 -23.79 -20.13 16.10
N THR B 177 -24.76 -19.63 16.87
CA THR B 177 -25.01 -20.12 18.21
C THR B 177 -25.75 -21.43 18.18
N ASP B 178 -26.36 -21.74 17.02
CA ASP B 178 -26.94 -23.05 16.74
C ASP B 178 -25.86 -24.13 16.68
N ARG B 179 -24.64 -23.79 17.07
CA ARG B 179 -23.56 -24.75 17.26
C ARG B 179 -22.91 -25.29 15.96
N THR B 180 -23.42 -24.94 14.77
CA THR B 180 -22.83 -25.41 13.51
C THR B 180 -22.06 -24.32 12.77
N LEU B 181 -21.31 -24.71 11.74
CA LEU B 181 -20.96 -23.79 10.67
C LEU B 181 -21.80 -24.15 9.47
N LYS B 182 -21.83 -23.27 8.49
CA LYS B 182 -22.43 -23.58 7.19
C LYS B 182 -21.59 -22.99 6.07
N VAL B 183 -21.57 -23.73 4.95
CA VAL B 183 -20.85 -23.31 3.77
C VAL B 183 -21.89 -23.02 2.71
N TRP B 184 -21.70 -21.94 1.98
CA TRP B 184 -22.72 -21.41 1.12
C TRP B 184 -22.11 -21.02 -0.21
N ASN B 185 -22.96 -21.08 -1.23
CA ASN B 185 -22.65 -20.57 -2.55
C ASN B 185 -23.21 -19.16 -2.55
N ALA B 186 -22.34 -18.20 -2.73
CA ALA B 186 -22.78 -16.81 -2.67
C ALA B 186 -23.73 -16.39 -3.80
N GLU B 187 -23.48 -16.93 -4.98
CA GLU B 187 -24.17 -16.58 -6.21
C GLU B 187 -25.58 -17.11 -6.10
N THR B 188 -25.73 -18.39 -5.76
CA THR B 188 -27.05 -19.03 -5.72
C THR B 188 -27.72 -18.94 -4.37
N GLY B 189 -26.95 -18.80 -3.32
CA GLY B 189 -27.48 -18.79 -1.98
C GLY B 189 -27.76 -20.16 -1.40
N GLU B 190 -27.46 -21.25 -2.08
CA GLU B 190 -27.68 -22.55 -1.45
C GLU B 190 -26.65 -22.80 -0.38
N CYS B 191 -27.09 -23.39 0.74
CA CYS B 191 -26.20 -24.02 1.71
C CYS B 191 -25.66 -25.36 1.22
N ILE B 192 -24.39 -25.41 0.82
CA ILE B 192 -23.80 -26.67 0.32
C ILE B 192 -23.39 -27.69 1.41
N HIS B 193 -23.15 -27.24 2.63
CA HIS B 193 -22.71 -28.13 3.71
C HIS B 193 -23.14 -27.56 5.06
N THR B 194 -23.33 -28.43 6.04
CA THR B 194 -23.60 -28.01 7.40
C THR B 194 -22.66 -28.80 8.30
N LEU B 195 -21.88 -28.09 9.12
CA LEU B 195 -20.77 -28.69 9.85
C LEU B 195 -21.06 -28.83 11.35
N TYR B 196 -21.18 -30.09 11.74
CA TYR B 196 -21.56 -30.46 13.08
C TYR B 196 -20.34 -30.93 13.83
N GLY B 197 -20.28 -30.71 15.13
CA GLY B 197 -19.13 -31.14 15.90
C GLY B 197 -19.02 -30.28 17.13
N HIS B 198 -19.08 -28.97 16.94
CA HIS B 198 -19.20 -28.09 18.06
C HIS B 198 -20.58 -28.33 18.67
N THR B 199 -20.64 -27.99 19.94
CA THR B 199 -21.83 -28.13 20.75
C THR B 199 -22.33 -26.76 21.34
N SER B 200 -21.54 -25.73 21.07
CA SER B 200 -21.77 -24.43 21.63
C SER B 200 -21.33 -23.45 20.55
N THR B 201 -21.47 -22.17 20.82
CA THR B 201 -21.49 -21.17 19.78
C THR B 201 -20.17 -21.15 19.00
N VAL B 202 -20.28 -20.98 17.69
CA VAL B 202 -19.15 -20.88 16.81
C VAL B 202 -18.80 -19.42 16.78
N ARG B 203 -17.83 -19.04 17.60
CA ARG B 203 -17.57 -17.66 17.93
C ARG B 203 -16.61 -16.98 16.96
N CYS B 204 -15.57 -17.72 16.55
CA CYS B 204 -14.65 -17.20 15.57
C CYS B 204 -14.29 -18.25 14.56
N MET B 205 -13.72 -17.79 13.44
CA MET B 205 -13.19 -18.65 12.42
C MET B 205 -12.20 -17.97 11.54
N HIS B 206 -11.35 -18.77 10.90
CA HIS B 206 -10.39 -18.29 9.94
C HIS B 206 -10.22 -19.28 8.80
N LEU B 207 -10.28 -18.78 7.57
CA LEU B 207 -10.28 -19.59 6.38
C LEU B 207 -8.95 -19.48 5.66
N HIS B 208 -8.35 -20.58 5.31
CA HIS B 208 -7.20 -20.55 4.52
C HIS B 208 -7.28 -21.63 3.47
N GLU B 209 -7.30 -21.19 2.21
CA GLU B 209 -7.33 -22.10 1.08
C GLU B 209 -8.59 -22.96 1.21
N LYS B 210 -8.47 -24.28 1.38
N LYS B 210 -8.49 -24.27 1.38
CA LYS B 210 -9.67 -25.13 1.37
CA LYS B 210 -9.69 -25.09 1.38
C LYS B 210 -10.11 -25.55 2.77
C LYS B 210 -10.03 -25.63 2.77
N ARG B 211 -9.50 -24.99 3.81
CA ARG B 211 -9.82 -25.36 5.19
C ARG B 211 -10.16 -24.16 6.01
N VAL B 212 -11.24 -24.26 6.79
CA VAL B 212 -11.51 -23.32 7.86
C VAL B 212 -11.25 -23.94 9.23
N VAL B 213 -10.75 -23.10 10.15
CA VAL B 213 -10.70 -23.41 11.55
C VAL B 213 -11.70 -22.56 12.30
N SER B 214 -12.49 -23.22 13.16
CA SER B 214 -13.52 -22.57 13.94
C SER B 214 -13.14 -22.68 15.38
N GLY B 215 -13.49 -21.67 16.15
CA GLY B 215 -13.35 -21.71 17.58
C GLY B 215 -14.69 -21.43 18.22
N SER B 216 -14.90 -22.01 19.39
CA SER B 216 -16.26 -22.07 19.96
C SER B 216 -16.29 -21.82 21.43
N ARG B 217 -17.48 -21.46 21.95
CA ARG B 217 -17.65 -21.28 23.41
C ARG B 217 -17.43 -22.62 24.13
N ASP B 218 -17.59 -23.75 23.43
CA ASP B 218 -17.20 -25.06 23.97
C ASP B 218 -15.73 -25.23 24.31
N ALA B 219 -14.86 -24.26 24.05
CA ALA B 219 -13.45 -24.40 24.39
C ALA B 219 -12.61 -25.24 23.41
N THR B 220 -13.19 -25.71 22.31
CA THR B 220 -12.42 -26.44 21.28
C THR B 220 -12.22 -25.63 20.02
N LEU B 221 -11.41 -26.16 19.11
CA LEU B 221 -11.37 -25.69 17.72
C LEU B 221 -11.56 -26.90 16.80
N ARG B 222 -12.09 -26.67 15.61
CA ARG B 222 -12.17 -27.74 14.67
C ARG B 222 -11.68 -27.21 13.34
N VAL B 223 -11.00 -28.07 12.59
CA VAL B 223 -10.52 -27.78 11.29
C VAL B 223 -11.35 -28.62 10.33
N TRP B 224 -11.82 -27.99 9.26
CA TRP B 224 -12.83 -28.54 8.41
C TRP B 224 -12.42 -28.37 6.98
N ASP B 225 -12.74 -29.37 6.14
CA ASP B 225 -12.53 -29.22 4.72
C ASP B 225 -13.82 -28.67 4.17
N ILE B 226 -13.67 -27.60 3.42
CA ILE B 226 -14.72 -26.76 2.85
C ILE B 226 -15.39 -27.40 1.63
N GLU B 227 -14.59 -28.15 0.86
CA GLU B 227 -15.09 -28.86 -0.29
C GLU B 227 -15.85 -30.08 0.18
N THR B 228 -15.21 -30.93 0.99
CA THR B 228 -15.84 -32.18 1.44
C THR B 228 -16.90 -31.98 2.53
N GLY B 229 -16.80 -30.91 3.31
CA GLY B 229 -17.66 -30.74 4.50
C GLY B 229 -17.28 -31.59 5.71
N GLN B 230 -16.16 -32.28 5.64
CA GLN B 230 -15.76 -33.11 6.76
C GLN B 230 -14.93 -32.30 7.77
N CYS B 231 -15.03 -32.67 9.02
CA CYS B 231 -14.18 -32.16 10.05
C CYS B 231 -12.95 -33.02 10.12
N LEU B 232 -11.84 -32.47 9.70
CA LEU B 232 -10.53 -33.10 9.79
C LEU B 232 -9.93 -33.26 11.17
N HIS B 233 -9.97 -32.25 12.02
CA HIS B 233 -9.20 -32.32 13.27
C HIS B 233 -9.87 -31.58 14.39
N VAL B 234 -9.54 -32.00 15.61
CA VAL B 234 -10.17 -31.43 16.76
C VAL B 234 -9.09 -31.06 17.76
N LEU B 235 -9.08 -29.77 18.12
CA LEU B 235 -8.06 -29.22 18.96
C LEU B 235 -8.57 -28.93 20.39
N MET B 236 -8.17 -29.76 21.34
CA MET B 236 -8.64 -29.81 22.71
C MET B 236 -7.46 -29.47 23.63
N GLY B 237 -7.70 -28.59 24.62
CA GLY B 237 -6.67 -28.14 25.55
C GLY B 237 -7.02 -26.81 26.22
N HIS B 238 -7.69 -25.92 25.49
CA HIS B 238 -8.25 -24.74 26.14
C HIS B 238 -9.21 -25.13 27.25
N VAL B 239 -9.35 -24.23 28.19
CA VAL B 239 -10.09 -24.49 29.38
C VAL B 239 -11.36 -23.62 29.43
N ALA B 240 -11.32 -22.48 28.75
CA ALA B 240 -12.50 -21.61 28.59
C ALA B 240 -12.71 -21.30 27.12
N ALA B 241 -13.74 -20.53 26.82
CA ALA B 241 -14.08 -20.12 25.45
C ALA B 241 -12.94 -19.57 24.57
N VAL B 242 -12.96 -20.01 23.32
CA VAL B 242 -12.02 -19.58 22.31
C VAL B 242 -12.68 -18.40 21.62
N ARG B 243 -12.04 -17.25 21.67
CA ARG B 243 -12.71 -16.03 21.19
C ARG B 243 -12.14 -15.63 19.84
N CYS B 244 -10.92 -16.08 19.61
CA CYS B 244 -10.21 -15.64 18.42
C CYS B 244 -9.24 -16.70 17.94
N VAL B 245 -9.06 -16.72 16.62
CA VAL B 245 -8.29 -17.72 15.93
C VAL B 245 -7.66 -17.24 14.63
N GLN B 246 -6.44 -17.72 14.34
CA GLN B 246 -5.77 -17.47 13.08
C GLN B 246 -5.21 -18.81 12.58
N TYR B 247 -5.07 -18.96 11.26
CA TYR B 247 -4.66 -20.18 10.60
C TYR B 247 -3.95 -19.79 9.29
N ASP B 248 -2.71 -20.26 9.11
CA ASP B 248 -1.95 -19.92 7.92
C ASP B 248 -1.69 -21.12 6.99
N GLY B 249 -2.36 -22.23 7.24
CA GLY B 249 -2.18 -23.44 6.51
C GLY B 249 -1.18 -24.36 7.17
N ARG B 250 -0.45 -23.87 8.16
CA ARG B 250 0.61 -24.68 8.75
C ARG B 250 0.44 -24.82 10.28
N ARG B 251 0.08 -23.72 10.94
N ARG B 251 0.12 -23.71 10.95
CA ARG B 251 -0.13 -23.70 12.38
CA ARG B 251 -0.24 -23.75 12.36
C ARG B 251 -1.48 -23.03 12.64
C ARG B 251 -1.54 -23.07 12.59
N VAL B 252 -2.19 -23.53 13.64
CA VAL B 252 -3.33 -22.82 14.13
C VAL B 252 -2.88 -22.09 15.39
N VAL B 253 -3.35 -20.87 15.56
CA VAL B 253 -3.14 -20.07 16.76
C VAL B 253 -4.50 -19.66 17.29
N SER B 254 -4.73 -19.88 18.59
CA SER B 254 -6.02 -19.61 19.18
C SER B 254 -5.81 -18.83 20.45
N GLY B 255 -6.77 -17.97 20.78
CA GLY B 255 -6.74 -17.21 22.00
C GLY B 255 -8.06 -17.35 22.74
N ALA B 256 -7.98 -17.51 24.05
CA ALA B 256 -9.17 -17.89 24.80
C ALA B 256 -9.38 -17.14 26.12
N TYR B 257 -10.58 -17.21 26.62
CA TYR B 257 -10.92 -16.68 27.93
C TYR B 257 -10.22 -17.39 29.09
N ASP B 258 -9.47 -18.45 28.86
CA ASP B 258 -8.56 -18.90 29.92
C ASP B 258 -7.27 -18.07 29.98
N PHE B 259 -7.19 -16.96 29.26
CA PHE B 259 -5.99 -16.08 29.33
C PHE B 259 -4.84 -16.60 28.50
N MET B 260 -5.09 -17.67 27.79
CA MET B 260 -4.01 -18.39 27.13
C MET B 260 -4.07 -18.17 25.64
N VAL B 261 -2.91 -18.20 25.02
CA VAL B 261 -2.83 -18.36 23.57
C VAL B 261 -2.16 -19.66 23.29
N LYS B 262 -2.74 -20.49 22.43
CA LYS B 262 -2.10 -21.77 22.10
C LYS B 262 -1.74 -21.86 20.63
N VAL B 263 -0.61 -22.51 20.37
CA VAL B 263 -0.17 -22.76 19.02
C VAL B 263 -0.23 -24.24 18.73
N TRP B 264 -0.90 -24.59 17.64
CA TRP B 264 -1.11 -26.02 17.32
C TRP B 264 -0.56 -26.44 15.96
N ASP B 265 -0.14 -27.69 15.90
CA ASP B 265 0.01 -28.36 14.58
C ASP B 265 -1.27 -29.16 14.37
N PRO B 266 -2.12 -28.72 13.45
CA PRO B 266 -3.43 -29.38 13.31
C PRO B 266 -3.40 -30.84 12.94
N GLU B 267 -2.56 -31.22 11.98
CA GLU B 267 -2.52 -32.61 11.45
C GLU B 267 -2.42 -33.63 12.55
N THR B 268 -1.66 -33.32 13.59
CA THR B 268 -1.48 -34.27 14.69
C THR B 268 -2.28 -33.91 15.90
N GLU B 269 -3.22 -32.97 15.74
CA GLU B 269 -4.06 -32.46 16.79
C GLU B 269 -3.25 -32.11 18.01
N THR B 270 -2.05 -31.57 17.86
CA THR B 270 -1.23 -31.29 19.04
C THR B 270 -0.94 -29.83 19.33
N CYS B 271 -0.96 -29.50 20.61
CA CYS B 271 -0.71 -28.14 21.05
C CYS B 271 0.78 -28.08 21.22
N LEU B 272 1.45 -27.34 20.35
CA LEU B 272 2.90 -27.18 20.44
C LEU B 272 3.31 -26.23 21.54
N HIS B 273 2.55 -25.17 21.75
CA HIS B 273 2.93 -24.14 22.75
C HIS B 273 1.71 -23.58 23.41
N THR B 274 1.78 -23.42 24.73
CA THR B 274 0.79 -22.60 25.42
C THR B 274 1.55 -21.35 25.77
N LEU B 275 1.06 -20.23 25.30
CA LEU B 275 1.74 -18.94 25.51
C LEU B 275 1.10 -18.32 26.72
N GLN B 276 1.83 -18.26 27.83
CA GLN B 276 1.19 -17.75 29.03
C GLN B 276 1.75 -16.41 29.41
N GLY B 277 0.89 -15.56 29.98
CA GLY B 277 1.32 -14.21 30.37
C GLY B 277 0.18 -13.25 30.52
N HIS B 278 -0.79 -13.33 29.64
CA HIS B 278 -1.91 -12.49 29.82
C HIS B 278 -2.58 -12.79 31.15
N THR B 279 -2.84 -11.72 31.88
CA THR B 279 -3.48 -11.78 33.19
C THR B 279 -4.99 -11.60 33.08
N ASN B 280 -5.54 -11.70 31.86
CA ASN B 280 -7.00 -11.72 31.70
C ASN B 280 -7.39 -12.25 30.29
N ARG B 281 -8.69 -12.34 30.02
CA ARG B 281 -9.17 -12.94 28.77
C ARG B 281 -8.41 -12.48 27.53
N VAL B 282 -8.11 -13.39 26.61
CA VAL B 282 -7.64 -12.94 25.30
C VAL B 282 -8.76 -12.90 24.25
N TYR B 283 -8.87 -11.75 23.58
CA TYR B 283 -9.99 -11.31 22.76
C TYR B 283 -9.58 -11.20 21.28
N SER B 284 -8.38 -10.70 20.98
CA SER B 284 -8.00 -10.49 19.61
C SER B 284 -6.61 -11.09 19.27
N LEU B 285 -6.39 -11.33 17.95
CA LEU B 285 -5.25 -12.12 17.54
C LEU B 285 -4.83 -11.81 16.17
N GLN B 286 -3.53 -11.86 15.93
CA GLN B 286 -3.02 -11.75 14.55
C GLN B 286 -1.84 -12.66 14.48
N PHE B 287 -1.47 -13.04 13.27
CA PHE B 287 -0.44 -13.99 13.11
C PHE B 287 0.00 -13.89 11.67
N ASP B 288 1.31 -13.81 11.45
CA ASP B 288 1.89 -13.67 10.11
C ASP B 288 2.82 -14.79 9.75
N GLY B 289 2.76 -15.93 10.42
CA GLY B 289 3.68 -17.03 10.14
C GLY B 289 4.89 -17.10 11.02
N ILE B 290 5.32 -15.96 11.52
CA ILE B 290 6.49 -15.84 12.38
C ILE B 290 6.11 -15.29 13.74
N HIS B 291 5.31 -14.24 13.77
CA HIS B 291 4.84 -13.63 15.03
C HIS B 291 3.36 -13.86 15.33
N VAL B 292 3.04 -14.27 16.58
CA VAL B 292 1.68 -14.16 17.04
C VAL B 292 1.55 -12.85 17.84
N VAL B 293 0.42 -12.18 17.73
CA VAL B 293 0.18 -10.95 18.46
C VAL B 293 -1.18 -11.12 19.08
N SER B 294 -1.26 -10.90 20.39
CA SER B 294 -2.47 -11.20 21.11
C SER B 294 -2.92 -9.98 21.88
N GLY B 295 -4.20 -9.64 21.74
CA GLY B 295 -4.80 -8.56 22.53
C GLY B 295 -5.65 -9.08 23.67
N SER B 296 -5.46 -8.48 24.85
CA SER B 296 -6.20 -8.92 26.06
C SER B 296 -7.12 -7.85 26.69
N LEU B 297 -7.97 -8.30 27.61
CA LEU B 297 -8.58 -7.44 28.63
C LEU B 297 -7.55 -6.98 29.66
N ASP B 298 -6.44 -7.70 29.79
CA ASP B 298 -5.27 -7.29 30.55
C ASP B 298 -4.89 -5.84 30.24
N THR B 299 -5.47 -5.23 29.17
CA THR B 299 -4.94 -3.98 28.48
C THR B 299 -3.57 -4.11 27.77
N SER B 300 -2.89 -5.22 27.96
CA SER B 300 -1.63 -5.59 27.27
C SER B 300 -1.85 -6.05 25.82
N ILE B 301 -0.85 -5.92 24.97
CA ILE B 301 -0.78 -6.67 23.74
C ILE B 301 0.57 -7.34 23.73
N ARG B 302 0.58 -8.63 23.52
CA ARG B 302 1.82 -9.33 23.59
C ARG B 302 2.16 -9.77 22.22
N VAL B 303 3.45 -9.80 21.92
CA VAL B 303 3.95 -10.26 20.66
C VAL B 303 4.77 -11.51 20.96
N TRP B 304 4.60 -12.58 20.20
CA TRP B 304 5.28 -13.83 20.52
C TRP B 304 5.87 -14.47 19.28
N ASP B 305 6.87 -15.31 19.50
CA ASP B 305 7.55 -15.99 18.44
C ASP B 305 6.90 -17.40 18.30
N VAL B 306 6.20 -17.69 17.17
CA VAL B 306 5.57 -19.03 17.04
C VAL B 306 6.55 -20.18 17.22
N GLU B 307 7.76 -20.05 16.68
CA GLU B 307 8.73 -21.12 16.74
C GLU B 307 9.12 -21.55 18.16
N THR B 308 9.30 -20.62 19.09
CA THR B 308 9.82 -20.98 20.42
C THR B 308 8.79 -20.82 21.47
N GLY B 309 7.75 -20.03 21.24
CA GLY B 309 6.78 -19.71 22.31
C GLY B 309 7.19 -18.56 23.25
N ASN B 310 8.29 -17.90 22.94
CA ASN B 310 8.77 -16.84 23.82
C ASN B 310 8.11 -15.48 23.63
N CYS B 311 7.75 -14.81 24.72
CA CYS B 311 7.29 -13.38 24.61
C CYS B 311 8.45 -12.55 24.15
N ILE B 312 8.31 -11.90 23.01
CA ILE B 312 9.27 -10.93 22.49
C ILE B 312 9.02 -9.49 23.01
N HIS B 313 7.76 -9.07 23.09
CA HIS B 313 7.41 -7.70 23.50
C HIS B 313 6.12 -7.79 24.26
N THR B 314 5.99 -6.96 25.29
CA THR B 314 4.73 -6.75 25.94
C THR B 314 4.40 -5.30 25.73
N LEU B 315 3.47 -5.00 24.81
CA LEU B 315 3.19 -3.64 24.39
C LEU B 315 2.09 -3.04 25.26
N THR B 316 2.37 -1.91 25.93
CA THR B 316 1.47 -1.39 26.96
C THR B 316 1.08 0.01 26.64
N GLY B 317 0.06 0.50 27.37
CA GLY B 317 -0.42 1.88 27.21
C GLY B 317 -1.90 2.01 26.84
N HIS B 318 -2.52 1.03 26.23
CA HIS B 318 -3.99 1.06 26.18
C HIS B 318 -4.52 0.91 27.60
N GLN B 319 -5.74 1.36 27.85
CA GLN B 319 -6.31 1.46 29.20
C GLN B 319 -7.42 0.49 29.36
N SER B 320 -7.84 -0.11 28.26
CA SER B 320 -8.98 -1.00 28.29
C SER B 320 -8.82 -2.17 27.26
N LEU B 321 -9.95 -2.74 26.82
CA LEU B 321 -9.95 -3.95 25.94
C LEU B 321 -9.44 -3.63 24.54
N THR B 322 -8.45 -4.37 24.06
CA THR B 322 -8.14 -4.30 22.63
C THR B 322 -9.03 -5.28 21.87
N SER B 323 -9.98 -4.72 21.12
CA SER B 323 -11.08 -5.46 20.48
C SER B 323 -10.65 -5.98 19.07
N GLY B 324 -9.78 -5.23 18.41
CA GLY B 324 -9.34 -5.64 17.10
C GLY B 324 -8.02 -5.03 16.72
N MET B 325 -7.23 -5.83 16.00
CA MET B 325 -5.90 -5.47 15.57
C MET B 325 -5.72 -5.87 14.15
N GLU B 326 -4.99 -5.11 13.38
CA GLU B 326 -4.60 -5.56 12.06
C GLU B 326 -3.12 -5.50 12.02
N LEU B 327 -2.51 -6.51 11.41
CA LEU B 327 -1.06 -6.64 11.30
C LEU B 327 -0.66 -6.79 9.84
N LYS B 328 0.31 -5.99 9.39
CA LYS B 328 0.84 -6.13 8.03
C LYS B 328 2.27 -5.68 7.98
N ASP B 329 3.14 -6.52 7.45
CA ASP B 329 4.60 -6.31 7.48
C ASP B 329 5.12 -5.68 8.75
N ASN B 330 4.98 -6.38 9.84
CA ASN B 330 5.58 -5.86 11.09
C ASN B 330 5.10 -4.48 11.57
N ILE B 331 4.02 -3.99 10.97
CA ILE B 331 3.28 -2.90 11.52
C ILE B 331 1.92 -3.39 12.03
N LEU B 332 1.62 -2.99 13.26
CA LEU B 332 0.44 -3.39 13.97
C LEU B 332 -0.41 -2.21 14.31
N VAL B 333 -1.74 -2.28 14.07
CA VAL B 333 -2.66 -1.19 14.44
C VAL B 333 -3.75 -1.77 15.33
N SER B 334 -3.92 -1.17 16.50
CA SER B 334 -4.75 -1.72 17.55
C SER B 334 -5.86 -0.74 17.89
N GLY B 335 -7.07 -1.26 18.08
CA GLY B 335 -8.24 -0.43 18.43
C GLY B 335 -8.78 -0.87 19.77
N ASN B 336 -9.16 0.07 20.60
CA ASN B 336 -9.37 -0.20 21.98
C ASN B 336 -10.61 0.48 22.52
N ALA B 337 -11.25 -0.22 23.46
CA ALA B 337 -12.36 0.30 24.25
C ALA B 337 -12.04 1.66 24.92
N ASP B 338 -10.75 1.95 25.12
CA ASP B 338 -10.35 3.22 25.70
C ASP B 338 -10.51 4.40 24.74
N SER B 339 -11.09 4.14 23.56
CA SER B 339 -11.37 5.10 22.50
C SER B 339 -10.15 5.48 21.63
N THR B 340 -9.03 4.85 21.86
CA THR B 340 -7.79 5.22 21.21
C THR B 340 -7.37 4.12 20.19
N VAL B 341 -6.60 4.50 19.17
CA VAL B 341 -5.97 3.53 18.26
C VAL B 341 -4.47 3.75 18.31
N LYS B 342 -3.71 2.69 18.32
CA LYS B 342 -2.27 2.87 18.26
C LYS B 342 -1.64 2.09 17.13
N ILE B 343 -0.50 2.58 16.69
CA ILE B 343 0.24 1.97 15.63
C ILE B 343 1.61 1.63 16.20
N TRP B 344 2.08 0.42 15.96
CA TRP B 344 3.25 -0.10 16.62
C TRP B 344 4.20 -0.72 15.64
N ASP B 345 5.52 -0.72 15.90
CA ASP B 345 6.46 -1.52 15.09
C ASP B 345 6.74 -2.76 15.91
N ILE B 346 6.37 -3.93 15.41
CA ILE B 346 6.46 -5.11 16.24
C ILE B 346 7.84 -5.73 16.22
N LYS B 347 8.72 -5.34 15.30
CA LYS B 347 10.16 -5.65 15.46
C LYS B 347 10.74 -4.97 16.70
N THR B 348 10.41 -3.71 16.95
CA THR B 348 11.12 -2.94 18.01
C THR B 348 10.30 -2.71 19.25
N GLY B 349 8.97 -2.77 19.14
CA GLY B 349 8.12 -2.51 20.32
C GLY B 349 7.80 -1.04 20.41
N GLN B 350 8.28 -0.30 19.41
CA GLN B 350 7.98 1.10 19.38
C GLN B 350 6.53 1.42 19.09
N CYS B 351 5.93 2.29 19.89
CA CYS B 351 4.59 2.80 19.58
C CYS B 351 4.71 4.00 18.68
N LEU B 352 4.55 3.81 17.37
CA LEU B 352 4.85 4.85 16.40
C LEU B 352 3.88 6.03 16.47
N GLN B 353 2.59 5.77 16.63
CA GLN B 353 1.61 6.81 16.79
C GLN B 353 0.53 6.37 17.73
N THR B 354 -0.07 7.33 18.40
CA THR B 354 -1.34 7.16 19.04
C THR B 354 -2.36 8.08 18.38
N LEU B 355 -3.47 7.55 17.87
CA LEU B 355 -4.48 8.35 17.15
C LEU B 355 -5.49 8.94 18.11
N GLN B 356 -5.44 10.25 18.31
CA GLN B 356 -6.29 10.91 19.34
C GLN B 356 -6.32 12.38 19.03
N GLY B 357 -6.36 13.25 20.04
CA GLY B 357 -6.36 14.69 19.77
C GLY B 357 -7.76 15.26 19.78
N PRO B 358 -7.90 16.48 19.39
CA PRO B 358 -9.24 17.09 19.43
C PRO B 358 -10.30 16.34 18.68
N ASN B 359 -10.01 15.72 17.54
CA ASN B 359 -11.01 14.89 16.91
C ASN B 359 -10.95 13.42 17.25
N LYS B 360 -10.49 13.10 18.46
CA LYS B 360 -10.46 11.71 18.88
C LYS B 360 -11.85 11.10 18.91
N HIS B 361 -11.91 9.79 18.82
CA HIS B 361 -13.15 9.09 19.07
C HIS B 361 -13.58 9.36 20.49
N GLN B 362 -14.87 9.46 20.71
CA GLN B 362 -15.39 9.77 22.04
C GLN B 362 -15.68 8.54 22.82
N SER B 363 -15.78 7.42 22.14
CA SER B 363 -16.10 6.16 22.80
C SER B 363 -15.32 5.03 22.17
N ALA B 364 -15.61 3.82 22.60
CA ALA B 364 -14.84 2.66 22.14
C ALA B 364 -14.68 2.61 20.65
N VAL B 365 -13.49 2.18 20.24
CA VAL B 365 -13.24 1.88 18.84
C VAL B 365 -13.72 0.47 18.54
N THR B 366 -14.55 0.33 17.52
CA THR B 366 -15.13 -0.95 17.15
C THR B 366 -14.38 -1.69 16.06
N CYS B 367 -13.59 -0.98 15.27
CA CYS B 367 -13.02 -1.65 14.11
C CYS B 367 -12.05 -0.72 13.44
N LEU B 368 -11.21 -1.30 12.61
CA LEU B 368 -10.24 -0.52 11.94
C LEU B 368 -9.67 -1.21 10.72
N GLN B 369 -9.20 -0.43 9.76
CA GLN B 369 -8.37 -0.89 8.66
C GLN B 369 -7.23 0.05 8.38
N PHE B 370 -6.22 -0.44 7.67
CA PHE B 370 -5.12 0.48 7.32
C PHE B 370 -4.36 0.09 6.10
N ASN B 371 -3.64 1.02 5.52
CA ASN B 371 -2.73 0.71 4.41
C ASN B 371 -1.51 1.53 4.62
N LYS B 372 -0.69 1.75 3.59
CA LYS B 372 0.57 2.45 3.92
C LYS B 372 0.39 3.99 4.14
N ASN B 373 -0.80 4.49 3.79
CA ASN B 373 -1.16 5.89 3.93
C ASN B 373 -2.11 6.25 5.03
N PHE B 374 -3.11 5.39 5.27
CA PHE B 374 -4.20 5.73 6.17
C PHE B 374 -4.52 4.67 7.18
N VAL B 375 -5.14 5.11 8.26
CA VAL B 375 -5.94 4.24 9.09
C VAL B 375 -7.38 4.72 8.99
N ILE B 376 -8.31 3.79 8.95
CA ILE B 376 -9.71 4.13 9.03
C ILE B 376 -10.20 3.51 10.36
N THR B 377 -10.88 4.30 11.20
CA THR B 377 -11.37 3.74 12.47
C THR B 377 -12.85 4.00 12.62
N SER B 378 -13.55 3.09 13.30
CA SER B 378 -14.97 3.28 13.60
C SER B 378 -15.23 3.14 15.09
N SER B 379 -16.40 3.59 15.54
CA SER B 379 -16.68 3.74 16.95
C SER B 379 -18.16 3.80 17.25
N ASP B 380 -18.51 3.46 18.49
CA ASP B 380 -19.87 3.72 18.95
C ASP B 380 -20.23 5.21 19.03
N ASP B 381 -19.27 6.11 18.79
CA ASP B 381 -19.62 7.51 18.69
C ASP B 381 -20.33 7.81 17.39
N GLY B 382 -20.42 6.80 16.53
CA GLY B 382 -21.10 6.95 15.28
C GLY B 382 -20.32 7.56 14.12
N THR B 383 -19.00 7.67 14.28
CA THR B 383 -18.16 8.15 13.21
C THR B 383 -17.28 7.09 12.70
N VAL B 384 -16.82 7.31 11.49
CA VAL B 384 -15.70 6.62 10.92
C VAL B 384 -14.74 7.71 10.51
N LYS B 385 -13.50 7.58 10.98
CA LYS B 385 -12.48 8.63 10.83
C LYS B 385 -11.36 8.13 10.00
N LEU B 386 -10.75 9.07 9.24
CA LEU B 386 -9.63 8.78 8.41
C LEU B 386 -8.45 9.51 9.03
N TRP B 387 -7.33 8.80 9.22
CA TRP B 387 -6.12 9.32 9.85
C TRP B 387 -4.93 9.04 8.99
N ASP B 388 -3.91 9.85 9.18
CA ASP B 388 -2.70 9.73 8.40
C ASP B 388 -1.79 8.86 9.20
N LEU B 389 -1.56 7.66 8.67
CA LEU B 389 -0.70 6.66 9.37
C LEU B 389 0.74 7.11 9.61
N LYS B 390 1.31 7.90 8.72
CA LYS B 390 2.70 8.38 8.86
C LYS B 390 2.91 9.47 9.89
N THR B 391 1.99 10.41 9.96
CA THR B 391 2.01 11.51 10.96
C THR B 391 1.14 11.23 12.15
N GLY B 392 0.22 10.27 12.04
CA GLY B 392 -0.73 10.03 13.14
C GLY B 392 -1.77 11.13 13.33
N GLU B 393 -1.98 11.97 12.33
CA GLU B 393 -2.89 13.09 12.52
C GLU B 393 -4.24 12.77 11.97
N PHE B 394 -5.27 13.24 12.68
CA PHE B 394 -6.60 13.23 12.11
C PHE B 394 -6.66 13.91 10.74
N ILE B 395 -7.37 13.31 9.82
CA ILE B 395 -7.63 13.96 8.57
C ILE B 395 -9.09 14.47 8.55
N ARG B 396 -10.05 13.56 8.76
CA ARG B 396 -11.48 13.91 8.59
C ARG B 396 -12.44 12.77 8.98
N ASN B 397 -13.69 13.14 9.28
CA ASN B 397 -14.78 12.23 9.46
C ASN B 397 -15.33 11.77 8.11
N LEU B 398 -15.03 10.54 7.69
CA LEU B 398 -15.76 9.94 6.57
C LEU B 398 -17.25 9.75 6.79
N VAL B 399 -17.65 9.35 7.99
CA VAL B 399 -19.05 9.16 8.28
C VAL B 399 -19.34 9.77 9.63
N THR B 400 -20.44 10.46 9.79
CA THR B 400 -20.80 11.03 11.09
C THR B 400 -22.29 10.80 11.28
N LEU B 401 -22.66 9.76 11.99
CA LEU B 401 -24.07 9.50 12.24
C LEU B 401 -24.69 10.61 13.08
N GLU B 402 -25.83 11.12 12.65
CA GLU B 402 -26.57 12.11 13.44
C GLU B 402 -27.06 11.58 14.76
N SER B 403 -27.32 10.30 14.79
CA SER B 403 -27.73 9.61 15.96
C SER B 403 -26.55 9.08 16.78
N GLY B 404 -25.35 9.51 16.46
CA GLY B 404 -24.15 8.99 17.09
C GLY B 404 -24.13 9.02 18.60
N GLY B 405 -24.52 10.15 19.18
CA GLY B 405 -24.62 10.27 20.62
C GLY B 405 -25.98 9.96 21.24
N SER B 406 -26.83 9.21 20.55
CA SER B 406 -28.15 8.87 21.06
C SER B 406 -28.40 7.42 20.84
N GLY B 407 -27.44 6.71 20.27
CA GLY B 407 -27.54 5.28 20.12
C GLY B 407 -26.94 4.75 18.85
N GLY B 408 -26.71 5.61 17.86
CA GLY B 408 -26.19 5.12 16.61
C GLY B 408 -24.76 4.70 16.79
N VAL B 409 -24.38 3.57 16.17
CA VAL B 409 -23.02 3.08 16.28
C VAL B 409 -22.52 2.55 14.98
N VAL B 410 -21.20 2.56 14.75
CA VAL B 410 -20.63 1.84 13.64
C VAL B 410 -19.99 0.62 14.20
N TRP B 411 -20.59 -0.53 13.91
CA TRP B 411 -20.09 -1.82 14.41
C TRP B 411 -18.83 -2.30 13.72
N ARG B 412 -18.72 -2.10 12.42
N ARG B 412 -18.76 -2.13 12.40
CA ARG B 412 -17.52 -2.46 11.73
CA ARG B 412 -17.70 -2.73 11.59
C ARG B 412 -17.48 -2.00 10.32
C ARG B 412 -17.49 -1.98 10.30
N ILE B 413 -16.28 -2.04 9.78
CA ILE B 413 -15.97 -1.54 8.44
C ILE B 413 -15.06 -2.49 7.65
N ARG B 414 -15.14 -2.35 6.35
CA ARG B 414 -14.20 -2.96 5.42
C ARG B 414 -13.93 -1.94 4.35
N ALA B 415 -12.71 -1.93 3.86
CA ALA B 415 -12.38 -1.03 2.76
C ALA B 415 -11.63 -1.70 1.65
N SER B 416 -11.86 -1.28 0.42
CA SER B 416 -11.05 -1.65 -0.71
C SER B 416 -10.27 -0.40 -1.03
N ASN B 417 -9.54 -0.41 -2.14
CA ASN B 417 -8.76 0.75 -2.56
C ASN B 417 -9.70 1.97 -2.85
N THR B 418 -10.91 1.63 -3.21
CA THR B 418 -11.91 2.48 -3.85
C THR B 418 -13.19 2.68 -3.05
N LYS B 419 -13.43 1.83 -2.05
CA LYS B 419 -14.72 1.81 -1.38
C LYS B 419 -14.59 1.56 0.07
N LEU B 420 -15.54 2.11 0.83
CA LEU B 420 -15.59 1.87 2.27
C LEU B 420 -16.96 1.33 2.56
N VAL B 421 -17.08 0.27 3.35
CA VAL B 421 -18.38 -0.29 3.72
C VAL B 421 -18.49 -0.31 5.22
N CYS B 422 -19.63 0.12 5.76
CA CYS B 422 -19.82 0.30 7.21
C CYS B 422 -21.07 -0.34 7.62
N ALA B 423 -21.02 -1.13 8.67
CA ALA B 423 -22.22 -1.66 9.27
C ALA B 423 -22.63 -0.74 10.41
N VAL B 424 -23.90 -0.43 10.48
CA VAL B 424 -24.38 0.68 11.31
C VAL B 424 -25.67 0.27 11.88
N GLY B 425 -26.02 0.84 13.01
CA GLY B 425 -27.29 0.49 13.63
C GLY B 425 -27.37 1.02 15.03
N SER B 426 -28.24 0.41 15.88
CA SER B 426 -28.43 0.86 17.23
C SER B 426 -29.10 -0.19 18.14
N ARG B 427 -28.89 -0.09 19.45
CA ARG B 427 -29.54 -1.01 20.36
C ARG B 427 -30.90 -0.42 20.77
N ASN B 428 -31.20 0.86 20.46
CA ASN B 428 -32.47 1.47 20.87
C ASN B 428 -33.40 2.09 19.76
N GLY B 429 -33.23 1.67 18.52
CA GLY B 429 -34.08 2.18 17.45
C GLY B 429 -33.73 3.56 16.93
N THR B 430 -32.63 4.16 17.34
CA THR B 430 -32.38 5.52 16.92
C THR B 430 -31.77 5.53 15.55
N GLU B 431 -31.15 4.41 15.18
CA GLU B 431 -30.53 4.26 13.85
C GLU B 431 -30.93 2.89 13.33
N GLU B 432 -31.58 2.84 12.18
CA GLU B 432 -32.06 1.55 11.65
C GLU B 432 -30.88 0.78 11.18
N THR B 433 -30.89 -0.55 11.26
CA THR B 433 -29.63 -1.21 10.95
C THR B 433 -29.47 -1.26 9.47
N LYS B 434 -28.26 -1.15 9.00
CA LYS B 434 -27.96 -1.01 7.57
C LYS B 434 -26.48 -0.96 7.29
N LEU B 435 -26.12 -1.09 6.03
CA LEU B 435 -24.76 -0.85 5.62
C LEU B 435 -24.73 0.46 4.83
N LEU B 436 -23.61 1.13 4.96
CA LEU B 436 -23.33 2.30 4.21
C LEU B 436 -22.17 1.99 3.34
N VAL B 437 -22.24 2.34 2.07
CA VAL B 437 -21.13 2.10 1.16
C VAL B 437 -20.75 3.39 0.51
N LEU B 438 -19.51 3.77 0.64
CA LEU B 438 -19.02 5.02 0.10
C LEU B 438 -18.02 4.74 -0.95
N ASP B 439 -18.02 5.55 -1.99
CA ASP B 439 -17.19 5.31 -3.17
C ASP B 439 -16.20 6.44 -3.32
N PHE B 440 -14.92 6.09 -3.43
CA PHE B 440 -13.88 7.05 -3.65
C PHE B 440 -13.17 6.85 -4.98
N ASP B 441 -13.75 6.08 -5.91
CA ASP B 441 -13.16 5.97 -7.24
C ASP B 441 -13.15 7.33 -7.92
N VAL B 442 -12.31 7.50 -8.93
CA VAL B 442 -12.33 8.74 -9.71
C VAL B 442 -12.77 8.40 -11.12
N ASP B 443 -13.28 9.37 -11.88
CA ASP B 443 -13.66 9.12 -13.30
C ASP B 443 -12.42 8.99 -14.22
N MET B 444 -12.32 7.80 -14.83
CA MET B 444 -11.09 7.24 -15.41
C MET B 444 -11.28 5.74 -15.61
N PRO C 1 -14.50 1.25 29.10
CA PRO C 1 -15.71 0.87 29.88
C PRO C 1 -16.57 -0.21 29.16
N GLU C 2 -16.88 0.01 27.89
CA GLU C 2 -17.87 -0.79 27.14
C GLU C 2 -17.25 -1.85 26.20
N VAL C 3 -17.76 -3.09 26.29
CA VAL C 3 -17.27 -4.21 25.41
C VAL C 3 -18.16 -4.43 24.18
N PRO C 4 -17.65 -5.12 23.15
CA PRO C 4 -18.47 -5.30 21.97
C PRO C 4 -19.65 -6.30 22.16
N PRO C 5 -20.55 -6.35 21.15
CA PRO C 5 -21.59 -7.37 21.26
C PRO C 5 -20.95 -8.77 21.38
N TPO C 6 -21.63 -9.65 22.09
CA TPO C 6 -21.13 -10.98 22.31
CB TPO C 6 -20.28 -11.09 23.55
CG2 TPO C 6 -21.10 -10.98 24.86
OG1 TPO C 6 -19.65 -12.35 23.53
P TPO C 6 -18.08 -12.45 23.58
O1P TPO C 6 -17.93 -13.94 23.25
O2P TPO C 6 -17.71 -12.16 25.01
O3P TPO C 6 -17.69 -11.49 22.53
C TPO C 6 -22.38 -11.82 22.37
O TPO C 6 -23.45 -11.32 22.75
N PRO C 7 -22.26 -13.11 21.97
CA PRO C 7 -23.48 -13.91 21.98
C PRO C 7 -24.02 -14.11 23.37
N PRO C 8 -25.33 -14.29 23.50
CA PRO C 8 -25.88 -14.64 24.80
C PRO C 8 -25.34 -15.97 25.33
N GLY C 9 -25.19 -16.05 26.65
CA GLY C 9 -24.86 -17.28 27.37
C GLY C 9 -26.01 -18.28 27.39
N SEP C 10 -25.79 -19.42 28.05
CA SEP C 10 -26.68 -20.60 27.98
CB SEP C 10 -25.88 -21.86 27.54
OG SEP C 10 -24.53 -21.53 27.08
C SEP C 10 -27.39 -20.74 29.32
O SEP C 10 -27.57 -21.84 29.86
P SEP C 10 -23.76 -21.94 25.68
O1P SEP C 10 -22.96 -23.17 26.10
O2P SEP C 10 -22.97 -20.70 25.14
O3P SEP C 10 -24.91 -22.39 24.80
S SO4 D . 18.63 10.41 -30.43
O1 SO4 D . 19.16 10.56 -31.80
O2 SO4 D . 17.82 9.17 -30.33
O3 SO4 D . 19.79 10.28 -29.51
O4 SO4 D . 17.82 11.60 -30.09
S SO4 E . -9.13 -0.56 -7.69
O1 SO4 E . -9.67 -0.35 -9.05
O2 SO4 E . -7.76 -1.22 -7.76
O3 SO4 E . -10.22 -1.26 -6.89
O4 SO4 E . -8.89 0.76 -7.09
S SO4 F . -15.15 -9.68 16.29
O1 SO4 F . -14.88 -9.46 14.85
O2 SO4 F . -16.32 -10.57 16.45
O3 SO4 F . -13.96 -10.35 16.86
O4 SO4 F . -15.37 -8.42 17.08
S SO4 G . -11.05 -11.57 9.20
O1 SO4 G . -11.49 -11.81 7.78
O2 SO4 G . -9.77 -12.31 9.38
O3 SO4 G . -12.04 -11.97 10.25
O4 SO4 G . -10.82 -10.12 9.39
S SO4 H . -22.10 -6.18 -9.74
O1 SO4 H . -21.83 -7.63 -9.77
O2 SO4 H . -21.40 -5.50 -10.87
O3 SO4 H . -21.54 -5.68 -8.47
O4 SO4 H . -23.56 -5.90 -9.76
S SO4 I . -29.71 -16.72 19.33
O1 SO4 I . -28.70 -17.14 18.37
O2 SO4 I . -31.05 -17.21 18.87
O3 SO4 I . -29.31 -17.30 20.66
O4 SO4 I . -29.74 -15.23 19.26
S SO4 J . -32.90 -15.51 -2.00
O1 SO4 J . -31.48 -15.54 -1.61
O2 SO4 J . -33.06 -16.71 -2.83
O3 SO4 J . -33.59 -15.67 -0.71
O4 SO4 J . -33.34 -14.33 -2.86
S SO4 K . -33.14 -17.69 -8.61
O1 SO4 K . -32.17 -18.33 -7.68
O2 SO4 K . -33.80 -18.78 -9.37
O3 SO4 K . -32.52 -16.71 -9.55
O4 SO4 K . -34.15 -16.99 -7.79
S SO4 L . 2.71 11.47 20.50
O1 SO4 L . 3.05 10.29 19.65
O2 SO4 L . 4.03 12.07 20.81
O3 SO4 L . 1.86 11.10 21.73
O4 SO4 L . 2.04 12.52 19.70
N1 IMD M . -7.61 2.44 4.01
C2 IMD M . -7.54 1.09 3.76
N3 IMD M . -7.84 0.87 2.42
C4 IMD M . -8.10 2.09 1.82
C5 IMD M . -7.95 3.08 2.81
#